data_3ILV
#
_entry.id   3ILV
#
_cell.length_a   133.136
_cell.length_b   66.345
_cell.length_c   74.432
_cell.angle_alpha   90.00
_cell.angle_beta   90.00
_cell.angle_gamma   90.00
#
_symmetry.space_group_name_H-M   'P 21 21 2'
#
loop_
_entity.id
_entity.type
_entity.pdbx_description
1 polymer 'Glutamine-dependent NAD(+) synthetase'
2 water water
#
_entity_poly.entity_id   1
_entity_poly.type   'polypeptide(L)'
_entity_poly.pdbx_seq_one_letter_code
;(MSE)SLSTIRIGGAAVNQTPIDWENNVKNILDAIEEAKNANVEILCLPELCITGYGCEDLFLTDWVAETAIEYCFEIAA
SCTDITVSLGLP(MSE)RIAGITYNCVCLVENGIVKGFSAKQFLANEGVHYETRWFTAWPRNHTTTFLYNDVKYPFGDVL
YNVKDARIGFEICEDAWRTDRVGIRHYEKGATLVLNPSASHFAFGKSAIRYDLVIGGSERFDCTYVYANLLGNEAGR
(MSE)IYDGEVLIAHKGKLIQRNDRLSFKNVNLIYADIATDSAETPETVLTQDDLEKEFEFWEATSLGLFDY(MSE)RKS
RSKGFVLSLSGGADSSACAI(MSE)VAE(MSE)IRKGLKELGLTAFLQKSN(MSE)ETLFDLPALQHLPFEEQAKKITAV
FLTTAYQSTRNSGDETYTSAKTLAESIGATFYNWSVDEEIEQYKATIENVIERPLTWEKDDITLQNIQARGRAPIIW
(MSE)LTNVKQALLITTSNRSEGDVGYAT(MSE)DGDTAGGIAPIAGVDKDFIRSWLRWAEKNRNQHGLHIVNKLAPTAE
LRPSEYTQTDERDL(MSE)PYDVLARIERKAIKERLSPVQVYTALLTEGPYTKNEFKYWVKKFFRLWSINQWKRERLAPS
FH(MSE)DDFNIDPRSWYRFPILSSGFAKELNDLDQEGHHHHHH
;
_entity_poly.pdbx_strand_id   A
#
# COMPACT_ATOMS: atom_id res chain seq x y z
N SER A 4 -16.11 -34.85 17.90
CA SER A 4 -16.81 -34.40 16.65
C SER A 4 -16.43 -32.96 16.32
N THR A 5 -15.67 -32.79 15.25
CA THR A 5 -15.24 -31.45 14.83
C THR A 5 -15.32 -31.25 13.33
N ILE A 6 -15.31 -30.00 12.90
CA ILE A 6 -15.35 -29.65 11.49
C ILE A 6 -14.12 -28.77 11.22
N ARG A 7 -13.43 -29.03 10.11
CA ARG A 7 -12.23 -28.26 9.78
C ARG A 7 -12.55 -27.07 8.89
N ILE A 8 -12.46 -25.88 9.47
CA ILE A 8 -12.75 -24.63 8.78
C ILE A 8 -11.45 -23.88 8.46
N GLY A 9 -11.37 -23.32 7.26
CA GLY A 9 -10.17 -22.59 6.91
C GLY A 9 -10.37 -21.30 6.14
N GLY A 10 -9.29 -20.56 6.00
CA GLY A 10 -9.34 -19.30 5.28
C GLY A 10 -8.00 -19.10 4.62
N ALA A 11 -7.97 -18.40 3.50
CA ALA A 11 -6.69 -18.19 2.85
C ALA A 11 -6.56 -16.82 2.22
N ALA A 12 -5.34 -16.28 2.28
CA ALA A 12 -5.04 -15.00 1.69
C ALA A 12 -4.33 -15.31 0.37
N VAL A 13 -4.61 -14.51 -0.66
CA VAL A 13 -3.97 -14.68 -1.97
C VAL A 13 -3.51 -13.33 -2.49
N ASN A 14 -2.35 -13.33 -3.15
CA ASN A 14 -1.76 -12.12 -3.71
C ASN A 14 -2.18 -11.96 -5.18
N GLN A 15 -3.27 -11.21 -5.41
CA GLN A 15 -3.81 -11.02 -6.75
C GLN A 15 -3.29 -9.75 -7.41
N THR A 16 -3.62 -9.59 -8.68
CA THR A 16 -3.24 -8.42 -9.47
C THR A 16 -4.46 -8.18 -10.37
N PRO A 17 -4.84 -6.91 -10.60
CA PRO A 17 -5.99 -6.57 -11.45
C PRO A 17 -6.11 -7.35 -12.76
N ILE A 18 -7.21 -8.09 -12.90
CA ILE A 18 -7.51 -8.94 -14.05
C ILE A 18 -6.38 -9.85 -14.53
N ASP A 19 -5.46 -10.19 -13.62
CA ASP A 19 -4.37 -11.11 -13.97
C ASP A 19 -4.93 -12.50 -13.74
N TRP A 20 -5.80 -12.96 -14.65
CA TRP A 20 -6.45 -14.25 -14.50
C TRP A 20 -5.50 -15.41 -14.22
N GLU A 21 -4.39 -15.48 -14.95
CA GLU A 21 -3.44 -16.56 -14.76
C GLU A 21 -2.93 -16.62 -13.33
N ASN A 22 -2.50 -15.48 -12.80
CA ASN A 22 -2.00 -15.44 -11.43
C ASN A 22 -3.09 -15.62 -10.39
N ASN A 23 -4.19 -14.90 -10.57
CA ASN A 23 -5.32 -14.94 -9.63
C ASN A 23 -5.95 -16.30 -9.53
N VAL A 24 -6.20 -16.95 -10.68
CA VAL A 24 -6.83 -18.26 -10.67
C VAL A 24 -5.89 -19.34 -10.17
N LYS A 25 -4.60 -19.21 -10.50
CA LYS A 25 -3.64 -20.19 -10.04
C LYS A 25 -3.58 -20.13 -8.51
N ASN A 26 -3.55 -18.91 -7.98
CA ASN A 26 -3.48 -18.76 -6.53
C ASN A 26 -4.71 -19.34 -5.84
N ILE A 27 -5.88 -19.11 -6.42
CA ILE A 27 -7.13 -19.64 -5.86
C ILE A 27 -7.07 -21.17 -5.88
N LEU A 28 -6.74 -21.72 -7.04
CA LEU A 28 -6.64 -23.17 -7.18
C LEU A 28 -5.55 -23.76 -6.26
N ASP A 29 -4.45 -23.06 -6.09
CA ASP A 29 -3.40 -23.58 -5.20
C ASP A 29 -3.92 -23.57 -3.77
N ALA A 30 -4.63 -22.51 -3.40
CA ALA A 30 -5.19 -22.40 -2.06
C ALA A 30 -6.18 -23.55 -1.83
N ILE A 31 -7.01 -23.83 -2.83
CA ILE A 31 -7.99 -24.90 -2.73
C ILE A 31 -7.29 -26.25 -2.60
N GLU A 32 -6.18 -26.42 -3.33
CA GLU A 32 -5.46 -27.66 -3.26
C GLU A 32 -4.83 -27.85 -1.89
N GLU A 33 -4.26 -26.78 -1.33
CA GLU A 33 -3.65 -26.88 0.00
C GLU A 33 -4.73 -27.26 1.00
N ALA A 34 -5.90 -26.63 0.89
CA ALA A 34 -7.02 -26.90 1.79
C ALA A 34 -7.44 -28.37 1.67
N LYS A 35 -7.61 -28.85 0.44
CA LYS A 35 -8.01 -30.23 0.23
C LYS A 35 -6.97 -31.20 0.78
N ASN A 36 -5.70 -30.86 0.64
CA ASN A 36 -4.63 -31.71 1.13
C ASN A 36 -4.78 -31.95 2.63
N ALA A 37 -5.20 -30.91 3.35
CA ALA A 37 -5.37 -30.99 4.80
C ALA A 37 -6.81 -31.33 5.16
N ASN A 38 -7.59 -31.74 4.17
CA ASN A 38 -8.98 -32.11 4.36
C ASN A 38 -9.86 -31.01 4.98
N VAL A 39 -9.59 -29.77 4.58
CA VAL A 39 -10.38 -28.64 5.04
C VAL A 39 -11.75 -28.83 4.40
N GLU A 40 -12.81 -28.66 5.18
CA GLU A 40 -14.16 -28.83 4.64
C GLU A 40 -14.78 -27.55 4.10
N ILE A 41 -14.48 -26.43 4.75
CA ILE A 41 -15.02 -25.14 4.33
C ILE A 41 -13.87 -24.14 4.24
N LEU A 42 -13.73 -23.49 3.09
CA LEU A 42 -12.64 -22.53 2.87
C LEU A 42 -13.10 -21.14 2.43
N CYS A 43 -12.69 -20.12 3.17
CA CYS A 43 -13.04 -18.74 2.84
C CYS A 43 -11.90 -18.07 2.10
N LEU A 44 -12.19 -17.47 0.94
CA LEU A 44 -11.20 -16.75 0.16
C LEU A 44 -11.59 -15.28 0.21
N PRO A 45 -10.68 -14.37 -0.17
CA PRO A 45 -10.95 -12.92 -0.14
C PRO A 45 -11.99 -12.31 -1.06
N GLU A 46 -12.33 -11.06 -0.74
CA GLU A 46 -13.29 -10.27 -1.50
C GLU A 46 -12.72 -10.05 -2.91
N LEU A 47 -13.58 -10.17 -3.91
CA LEU A 47 -13.22 -9.99 -5.32
C LEU A 47 -11.90 -10.67 -5.71
N CYS A 48 -11.62 -11.83 -5.10
CA CYS A 48 -10.36 -12.52 -5.39
C CYS A 48 -10.15 -12.99 -6.83
N ILE A 49 -11.21 -13.30 -7.56
CA ILE A 49 -11.01 -13.76 -8.94
C ILE A 49 -10.42 -12.66 -9.83
N THR A 50 -10.99 -11.46 -9.75
CA THR A 50 -10.53 -10.32 -10.56
C THR A 50 -9.48 -9.50 -9.83
N GLY A 51 -9.51 -9.57 -8.51
CA GLY A 51 -8.62 -8.73 -7.71
C GLY A 51 -9.49 -7.51 -7.41
N TYR A 52 -9.22 -6.82 -6.31
CA TYR A 52 -10.01 -5.66 -5.90
C TYR A 52 -9.82 -4.35 -6.69
N GLY A 53 -8.58 -3.98 -6.98
CA GLY A 53 -8.32 -2.71 -7.63
C GLY A 53 -8.42 -2.56 -9.14
N CYS A 54 -9.44 -3.18 -9.73
CA CYS A 54 -9.64 -3.12 -11.17
C CYS A 54 -10.15 -1.77 -11.66
N GLU A 55 -10.62 -0.94 -10.73
CA GLU A 55 -11.14 0.39 -11.07
C GLU A 55 -12.17 0.35 -12.23
N ASP A 56 -12.02 1.24 -13.20
CA ASP A 56 -12.99 1.31 -14.29
C ASP A 56 -13.12 0.09 -15.18
N LEU A 57 -12.24 -0.89 -15.00
CA LEU A 57 -12.36 -2.13 -15.77
C LEU A 57 -13.67 -2.78 -15.32
N PHE A 58 -14.12 -2.45 -14.11
CA PHE A 58 -15.37 -3.01 -13.62
C PHE A 58 -16.59 -2.46 -14.36
N LEU A 59 -16.37 -1.43 -15.17
CA LEU A 59 -17.45 -0.82 -15.94
C LEU A 59 -17.65 -1.55 -17.26
N THR A 60 -16.72 -2.42 -17.62
CA THR A 60 -16.80 -3.17 -18.87
C THR A 60 -17.67 -4.40 -18.73
N ASP A 61 -18.31 -4.81 -19.81
CA ASP A 61 -19.15 -6.00 -19.78
C ASP A 61 -18.26 -7.26 -19.77
N TRP A 62 -17.15 -7.21 -20.49
CA TRP A 62 -16.29 -8.38 -20.60
C TRP A 62 -15.56 -8.85 -19.34
N VAL A 63 -15.16 -7.93 -18.45
CA VAL A 63 -14.47 -8.34 -17.24
C VAL A 63 -15.40 -9.22 -16.41
N ALA A 64 -16.65 -8.80 -16.29
CA ALA A 64 -17.63 -9.56 -15.52
C ALA A 64 -17.90 -10.91 -16.17
N GLU A 65 -18.02 -10.91 -17.50
CA GLU A 65 -18.30 -12.16 -18.22
C GLU A 65 -17.15 -13.14 -18.05
N THR A 66 -15.92 -12.64 -18.12
CA THR A 66 -14.74 -13.49 -17.96
C THR A 66 -14.63 -14.00 -16.53
N ALA A 67 -14.94 -13.13 -15.57
CA ALA A 67 -14.85 -13.53 -14.17
C ALA A 67 -15.82 -14.65 -13.83
N ILE A 68 -17.05 -14.59 -14.31
CA ILE A 68 -17.99 -15.64 -13.99
C ILE A 68 -17.63 -16.97 -14.68
N GLU A 69 -17.00 -16.89 -15.84
CA GLU A 69 -16.58 -18.12 -16.53
C GLU A 69 -15.49 -18.79 -15.71
N TYR A 70 -14.64 -17.98 -15.07
CA TYR A 70 -13.60 -18.57 -14.24
C TYR A 70 -14.20 -19.09 -12.93
N CYS A 71 -15.23 -18.41 -12.45
CA CYS A 71 -15.89 -18.85 -11.23
C CYS A 71 -16.32 -20.30 -11.39
N PHE A 72 -17.01 -20.58 -12.49
CA PHE A 72 -17.48 -21.93 -12.76
C PHE A 72 -16.37 -22.93 -13.05
N GLU A 73 -15.31 -22.49 -13.73
CA GLU A 73 -14.18 -23.37 -14.01
C GLU A 73 -13.52 -23.77 -12.69
N ILE A 74 -13.36 -22.79 -11.82
CA ILE A 74 -12.76 -23.04 -10.52
C ILE A 74 -13.64 -24.01 -9.72
N ALA A 75 -14.96 -23.80 -9.81
CA ALA A 75 -15.91 -24.64 -9.09
C ALA A 75 -15.66 -26.12 -9.32
N ALA A 76 -15.27 -26.46 -10.55
CA ALA A 76 -15.01 -27.84 -10.93
C ALA A 76 -13.89 -28.48 -10.09
N SER A 77 -12.97 -27.66 -9.59
CA SER A 77 -11.88 -28.17 -8.77
C SER A 77 -12.23 -28.21 -7.29
N CYS A 78 -13.41 -27.72 -6.92
CA CYS A 78 -13.84 -27.70 -5.53
C CYS A 78 -14.55 -28.99 -5.14
N THR A 79 -13.86 -30.11 -5.32
CA THR A 79 -14.43 -31.41 -5.00
C THR A 79 -14.23 -31.76 -3.54
N ASP A 80 -15.30 -32.24 -2.91
CA ASP A 80 -15.25 -32.63 -1.51
C ASP A 80 -14.83 -31.48 -0.61
N ILE A 81 -15.35 -30.29 -0.91
CA ILE A 81 -15.02 -29.09 -0.14
C ILE A 81 -15.96 -27.94 -0.52
N THR A 82 -16.10 -26.98 0.39
CA THR A 82 -16.94 -25.82 0.16
C THR A 82 -15.99 -24.61 0.15
N VAL A 83 -16.14 -23.77 -0.87
CA VAL A 83 -15.26 -22.63 -1.05
C VAL A 83 -16.00 -21.36 -1.49
N SER A 84 -15.51 -20.20 -1.06
CA SER A 84 -16.09 -18.91 -1.45
C SER A 84 -15.17 -18.27 -2.47
N LEU A 85 -15.76 -17.57 -3.44
CA LEU A 85 -15.01 -16.87 -4.49
C LEU A 85 -15.61 -15.49 -4.68
N GLY A 86 -14.76 -14.50 -4.91
CA GLY A 86 -15.25 -13.14 -5.09
C GLY A 86 -15.16 -12.66 -6.52
N LEU A 87 -16.18 -11.96 -6.98
CA LEU A 87 -16.21 -11.46 -8.35
C LEU A 87 -17.33 -10.45 -8.59
N PRO A 88 -17.13 -9.56 -9.57
CA PRO A 88 -18.17 -8.57 -9.87
C PRO A 88 -19.18 -9.30 -10.74
N MSE A 89 -20.45 -8.92 -10.64
CA MSE A 89 -21.49 -9.56 -11.43
C MSE A 89 -22.53 -8.53 -11.88
O MSE A 89 -22.93 -7.67 -11.09
CB MSE A 89 -22.17 -10.67 -10.63
CG MSE A 89 -21.25 -11.84 -10.32
SE MSE A 89 -22.10 -13.19 -9.25
CE MSE A 89 -23.05 -14.11 -10.67
N ARG A 90 -22.94 -8.63 -13.13
CA ARG A 90 -23.91 -7.69 -13.69
C ARG A 90 -25.24 -8.35 -13.99
N ILE A 91 -26.31 -7.77 -13.45
CA ILE A 91 -27.66 -8.26 -13.68
C ILE A 91 -28.53 -7.13 -14.19
N ALA A 92 -28.88 -7.20 -15.48
CA ALA A 92 -29.71 -6.19 -16.11
C ALA A 92 -29.08 -4.81 -16.04
N GLY A 93 -27.79 -4.73 -16.39
CA GLY A 93 -27.09 -3.45 -16.38
C GLY A 93 -26.50 -3.01 -15.05
N ILE A 94 -26.96 -3.59 -13.95
CA ILE A 94 -26.46 -3.22 -12.64
C ILE A 94 -25.38 -4.18 -12.15
N THR A 95 -24.22 -3.62 -11.79
CA THR A 95 -23.10 -4.43 -11.32
C THR A 95 -23.04 -4.46 -9.80
N TYR A 96 -22.79 -5.65 -9.26
CA TYR A 96 -22.71 -5.87 -7.84
C TYR A 96 -21.37 -6.50 -7.45
N ASN A 97 -20.96 -6.28 -6.21
CA ASN A 97 -19.73 -6.84 -5.68
C ASN A 97 -20.17 -8.14 -5.01
N CYS A 98 -19.88 -9.28 -5.64
CA CYS A 98 -20.35 -10.56 -5.11
C CYS A 98 -19.36 -11.63 -4.66
N VAL A 99 -19.91 -12.60 -3.94
CA VAL A 99 -19.16 -13.74 -3.46
C VAL A 99 -20.00 -14.96 -3.81
N CYS A 100 -19.37 -15.95 -4.45
CA CYS A 100 -20.02 -17.20 -4.85
C CYS A 100 -19.65 -18.27 -3.84
N LEU A 101 -20.59 -19.18 -3.56
CA LEU A 101 -20.31 -20.28 -2.65
C LEU A 101 -20.44 -21.57 -3.44
N VAL A 102 -19.35 -22.31 -3.50
CA VAL A 102 -19.29 -23.58 -4.22
C VAL A 102 -19.21 -24.72 -3.22
N GLU A 103 -20.01 -25.76 -3.43
CA GLU A 103 -19.99 -26.92 -2.55
C GLU A 103 -19.88 -28.18 -3.40
N ASN A 104 -18.80 -28.92 -3.21
CA ASN A 104 -18.57 -30.17 -3.94
C ASN A 104 -18.80 -30.04 -5.45
N GLY A 105 -18.16 -29.05 -6.06
CA GLY A 105 -18.27 -28.86 -7.49
C GLY A 105 -19.52 -28.18 -8.00
N ILE A 106 -20.43 -27.84 -7.08
CA ILE A 106 -21.68 -27.20 -7.48
C ILE A 106 -21.86 -25.79 -6.91
N VAL A 107 -22.17 -24.83 -7.76
CA VAL A 107 -22.39 -23.46 -7.30
C VAL A 107 -23.74 -23.40 -6.58
N LYS A 108 -23.71 -23.05 -5.30
CA LYS A 108 -24.93 -22.98 -4.49
C LYS A 108 -25.65 -21.63 -4.51
N GLY A 109 -24.93 -20.57 -4.84
CA GLY A 109 -25.56 -19.26 -4.87
C GLY A 109 -24.54 -18.13 -4.82
N PHE A 110 -25.04 -16.89 -4.82
CA PHE A 110 -24.19 -15.70 -4.79
C PHE A 110 -24.72 -14.67 -3.80
N SER A 111 -23.82 -14.15 -2.96
CA SER A 111 -24.19 -13.14 -1.98
C SER A 111 -23.63 -11.81 -2.51
N ALA A 112 -24.44 -10.75 -2.47
CA ALA A 112 -24.02 -9.43 -2.94
C ALA A 112 -23.75 -8.49 -1.76
N LYS A 113 -22.73 -7.65 -1.90
CA LYS A 113 -22.36 -6.71 -0.84
C LYS A 113 -23.48 -5.71 -0.57
N GLN A 114 -23.77 -5.48 0.70
CA GLN A 114 -24.83 -4.56 1.08
C GLN A 114 -24.38 -3.15 1.45
N PHE A 115 -23.14 -3.01 1.90
CA PHE A 115 -22.62 -1.69 2.27
C PHE A 115 -21.36 -1.37 1.48
N LEU A 116 -21.47 -0.42 0.57
CA LEU A 116 -20.34 -0.04 -0.26
C LEU A 116 -19.42 0.97 0.41
N ALA A 117 -18.11 0.77 0.26
CA ALA A 117 -17.12 1.66 0.83
C ALA A 117 -16.92 2.79 -0.19
N ASN A 118 -17.29 4.01 0.19
CA ASN A 118 -17.19 5.16 -0.69
C ASN A 118 -16.51 6.33 0.01
N GLU A 119 -15.79 6.03 1.09
CA GLU A 119 -15.08 7.05 1.86
C GLU A 119 -13.57 6.87 1.74
N GLY A 120 -12.82 7.94 1.99
CA GLY A 120 -11.37 7.86 1.95
C GLY A 120 -10.75 7.29 0.68
N VAL A 121 -10.08 6.15 0.80
CA VAL A 121 -9.43 5.54 -0.35
C VAL A 121 -10.37 4.72 -1.23
N HIS A 122 -11.63 4.59 -0.81
CA HIS A 122 -12.61 3.79 -1.55
C HIS A 122 -13.55 4.58 -2.46
N TYR A 123 -13.91 3.97 -3.60
CA TYR A 123 -14.79 4.56 -4.60
C TYR A 123 -15.74 3.50 -5.15
N GLU A 124 -16.15 2.54 -4.33
CA GLU A 124 -17.00 1.46 -4.80
C GLU A 124 -18.30 1.82 -5.54
N THR A 125 -18.95 2.89 -5.12
CA THR A 125 -20.21 3.28 -5.75
C THR A 125 -20.07 3.60 -7.24
N ARG A 126 -18.85 3.91 -7.66
CA ARG A 126 -18.57 4.22 -9.06
C ARG A 126 -18.76 2.98 -9.93
N TRP A 127 -18.52 1.81 -9.35
CA TRP A 127 -18.61 0.56 -10.11
C TRP A 127 -19.70 -0.39 -9.64
N PHE A 128 -20.07 -0.30 -8.37
CA PHE A 128 -21.06 -1.23 -7.83
C PHE A 128 -22.29 -0.56 -7.24
N THR A 129 -23.35 -1.35 -7.13
CA THR A 129 -24.61 -0.87 -6.54
C THR A 129 -24.87 -1.75 -5.33
N ALA A 130 -25.18 -1.12 -4.19
CA ALA A 130 -25.45 -1.87 -2.97
C ALA A 130 -26.68 -2.76 -3.12
N TRP A 131 -26.63 -3.95 -2.53
CA TRP A 131 -27.74 -4.89 -2.60
C TRP A 131 -28.66 -4.74 -1.39
N PRO A 132 -29.97 -4.58 -1.63
CA PRO A 132 -30.96 -4.41 -0.55
C PRO A 132 -30.92 -5.53 0.49
N ARG A 133 -30.92 -5.15 1.76
CA ARG A 133 -30.87 -6.09 2.86
C ARG A 133 -32.12 -6.99 2.89
N ASN A 134 -31.95 -8.23 3.29
CA ASN A 134 -33.06 -9.19 3.37
C ASN A 134 -33.76 -9.39 2.04
N HIS A 135 -33.04 -9.15 0.95
CA HIS A 135 -33.59 -9.34 -0.39
C HIS A 135 -32.92 -10.56 -1.02
N THR A 136 -33.70 -11.35 -1.75
CA THR A 136 -33.17 -12.54 -2.39
C THR A 136 -33.85 -12.73 -3.74
N THR A 137 -33.05 -12.82 -4.79
CA THR A 137 -33.57 -13.02 -6.14
C THR A 137 -32.90 -14.23 -6.75
N THR A 138 -32.94 -14.31 -8.07
CA THR A 138 -32.33 -15.43 -8.78
C THR A 138 -31.45 -14.94 -9.92
N PHE A 139 -30.30 -15.58 -10.07
CA PHE A 139 -29.36 -15.25 -11.13
C PHE A 139 -29.38 -16.43 -12.10
N LEU A 140 -29.71 -16.16 -13.36
CA LEU A 140 -29.77 -17.20 -14.38
C LEU A 140 -28.50 -17.29 -15.21
N TYR A 141 -27.75 -18.37 -15.03
CA TYR A 141 -26.53 -18.58 -15.81
C TYR A 141 -26.75 -19.86 -16.60
N ASN A 142 -26.75 -19.72 -17.93
CA ASN A 142 -27.00 -20.83 -18.84
C ASN A 142 -28.47 -21.17 -18.75
N ASP A 143 -28.85 -21.95 -17.75
CA ASP A 143 -30.24 -22.33 -17.57
C ASP A 143 -30.54 -22.73 -16.14
N VAL A 144 -29.66 -22.36 -15.22
CA VAL A 144 -29.86 -22.69 -13.81
C VAL A 144 -30.20 -21.46 -12.98
N LYS A 145 -31.10 -21.64 -12.02
CA LYS A 145 -31.53 -20.56 -11.14
C LYS A 145 -30.79 -20.63 -9.81
N TYR A 146 -29.89 -19.68 -9.59
CA TYR A 146 -29.08 -19.62 -8.36
C TYR A 146 -29.55 -18.55 -7.39
N PRO A 147 -29.63 -18.88 -6.10
CA PRO A 147 -30.05 -17.87 -5.12
C PRO A 147 -29.06 -16.71 -5.25
N PHE A 148 -29.54 -15.48 -5.13
CA PHE A 148 -28.68 -14.29 -5.26
C PHE A 148 -29.10 -13.17 -4.32
N GLY A 149 -28.12 -12.48 -3.75
CA GLY A 149 -28.41 -11.38 -2.84
C GLY A 149 -28.12 -11.69 -1.40
N ASP A 150 -29.14 -11.61 -0.55
CA ASP A 150 -28.98 -11.91 0.86
C ASP A 150 -29.32 -13.39 0.95
N VAL A 151 -28.29 -14.23 1.06
CA VAL A 151 -28.49 -15.67 1.12
C VAL A 151 -27.77 -16.41 2.24
N LEU A 152 -28.46 -17.40 2.80
CA LEU A 152 -27.90 -18.25 3.85
C LEU A 152 -27.65 -19.59 3.16
N TYR A 153 -26.54 -20.23 3.48
CA TYR A 153 -26.19 -21.50 2.83
C TYR A 153 -26.19 -22.72 3.73
N ASN A 154 -26.95 -23.74 3.33
CA ASN A 154 -27.02 -24.98 4.09
C ASN A 154 -26.11 -26.00 3.43
N VAL A 155 -25.00 -26.32 4.09
CA VAL A 155 -24.06 -27.29 3.56
C VAL A 155 -23.62 -28.27 4.64
N LYS A 156 -23.03 -29.38 4.20
CA LYS A 156 -22.53 -30.44 5.07
C LYS A 156 -23.02 -30.33 6.51
N ASP A 157 -22.17 -29.83 7.39
CA ASP A 157 -22.52 -29.67 8.80
C ASP A 157 -22.50 -28.22 9.23
N ALA A 158 -23.11 -27.33 8.45
CA ALA A 158 -23.11 -25.92 8.81
C ALA A 158 -24.06 -25.05 7.99
N ARG A 159 -24.44 -23.92 8.58
CA ARG A 159 -25.31 -22.94 7.94
C ARG A 159 -24.45 -21.68 7.77
N ILE A 160 -24.06 -21.42 6.54
CA ILE A 160 -23.19 -20.29 6.23
C ILE A 160 -23.84 -18.98 5.84
N GLY A 161 -23.28 -17.89 6.37
CA GLY A 161 -23.76 -16.55 6.05
C GLY A 161 -22.55 -15.71 5.72
N PHE A 162 -22.71 -14.73 4.84
CA PHE A 162 -21.61 -13.85 4.46
C PHE A 162 -21.72 -12.44 5.02
N GLU A 163 -20.57 -11.87 5.34
CA GLU A 163 -20.46 -10.50 5.82
C GLU A 163 -19.27 -10.02 5.00
N ILE A 164 -19.55 -9.46 3.82
CA ILE A 164 -18.49 -9.01 2.93
C ILE A 164 -17.84 -7.69 3.37
N CYS A 165 -16.58 -7.83 3.82
CA CYS A 165 -15.76 -6.72 4.30
C CYS A 165 -16.54 -5.69 5.13
N GLU A 166 -16.68 -4.48 4.60
CA GLU A 166 -17.39 -3.40 5.29
C GLU A 166 -18.72 -3.81 5.91
N ASP A 167 -19.40 -4.78 5.30
CA ASP A 167 -20.68 -5.25 5.82
C ASP A 167 -20.55 -5.69 7.27
N HIS A 178 -26.83 -14.39 9.08
CA HIS A 178 -27.11 -13.47 10.18
C HIS A 178 -27.39 -14.27 11.45
N TYR A 179 -27.21 -13.62 12.60
CA TYR A 179 -27.45 -14.26 13.89
C TYR A 179 -28.90 -14.69 14.03
N GLU A 180 -29.81 -13.76 13.76
CA GLU A 180 -31.24 -14.04 13.86
C GLU A 180 -31.70 -14.96 12.73
N LYS A 181 -30.74 -15.56 12.02
CA LYS A 181 -31.06 -16.46 10.93
C LYS A 181 -30.55 -17.87 11.21
N GLY A 182 -29.82 -18.03 12.30
CA GLY A 182 -29.31 -19.34 12.67
C GLY A 182 -28.02 -19.75 11.98
N ALA A 183 -27.18 -18.77 11.67
CA ALA A 183 -25.91 -19.06 11.01
C ALA A 183 -24.93 -19.66 12.01
N THR A 184 -24.31 -20.77 11.64
CA THR A 184 -23.33 -21.41 12.50
C THR A 184 -21.93 -20.95 12.09
N LEU A 185 -21.85 -20.44 10.86
CA LEU A 185 -20.57 -19.98 10.31
C LEU A 185 -20.74 -18.73 9.47
N VAL A 186 -20.00 -17.68 9.83
CA VAL A 186 -20.04 -16.42 9.09
C VAL A 186 -18.69 -16.26 8.41
N LEU A 187 -18.71 -16.10 7.08
CA LEU A 187 -17.50 -15.92 6.30
C LEU A 187 -17.39 -14.44 5.96
N ASN A 188 -16.21 -13.87 6.19
CA ASN A 188 -15.98 -12.45 5.95
C ASN A 188 -14.84 -12.24 4.95
N PRO A 189 -15.07 -12.51 3.66
CA PRO A 189 -14.03 -12.31 2.66
C PRO A 189 -13.82 -10.79 2.62
N SER A 190 -12.58 -10.35 2.58
CA SER A 190 -12.29 -8.93 2.61
C SER A 190 -11.17 -8.45 1.71
N ALA A 191 -11.14 -7.14 1.51
CA ALA A 191 -10.13 -6.43 0.73
C ALA A 191 -9.86 -5.20 1.60
N SER A 192 -9.23 -5.43 2.75
CA SER A 192 -8.93 -4.37 3.71
C SER A 192 -7.50 -3.89 3.57
N HIS A 193 -7.33 -2.67 3.06
CA HIS A 193 -5.99 -2.13 2.86
C HIS A 193 -5.28 -1.95 4.19
N PHE A 194 -3.96 -2.02 4.15
CA PHE A 194 -3.14 -1.86 5.34
C PHE A 194 -3.11 -0.41 5.81
N ALA A 195 -3.03 -0.23 7.12
CA ALA A 195 -2.96 1.10 7.72
C ALA A 195 -2.59 0.85 9.18
N PHE A 196 -1.72 1.70 9.73
CA PHE A 196 -1.27 1.54 11.11
C PHE A 196 -2.38 1.18 12.10
N GLY A 197 -2.09 0.22 12.98
CA GLY A 197 -3.03 -0.21 14.00
C GLY A 197 -4.36 -0.81 13.55
N LYS A 198 -4.63 -0.81 12.25
CA LYS A 198 -5.88 -1.34 11.74
C LYS A 198 -6.12 -2.80 12.12
N SER A 199 -5.07 -3.61 12.08
CA SER A 199 -5.18 -5.01 12.42
C SER A 199 -5.81 -5.21 13.80
N ALA A 200 -5.45 -4.35 14.75
CA ALA A 200 -6.00 -4.43 16.10
C ALA A 200 -7.52 -4.30 16.10
N ILE A 201 -8.03 -3.32 15.36
CA ILE A 201 -9.47 -3.09 15.28
C ILE A 201 -10.18 -4.33 14.72
N ARG A 202 -9.62 -4.84 13.63
CA ARG A 202 -10.15 -6.03 12.96
C ARG A 202 -10.26 -7.18 13.94
N TYR A 203 -9.25 -7.31 14.79
CA TYR A 203 -9.21 -8.34 15.81
C TYR A 203 -10.47 -8.28 16.67
N ASP A 204 -10.78 -7.09 17.17
CA ASP A 204 -11.96 -6.92 18.01
C ASP A 204 -13.26 -7.17 17.27
N LEU A 205 -13.33 -6.75 16.01
CA LEU A 205 -14.54 -6.94 15.22
C LEU A 205 -14.83 -8.40 14.90
N VAL A 206 -13.80 -9.16 14.57
CA VAL A 206 -13.97 -10.58 14.23
C VAL A 206 -14.34 -11.40 15.47
N ILE A 207 -13.65 -11.15 16.57
CA ILE A 207 -13.93 -11.87 17.80
C ILE A 207 -15.29 -11.46 18.36
N GLY A 208 -15.58 -10.16 18.29
CA GLY A 208 -16.84 -9.66 18.78
C GLY A 208 -17.98 -10.22 17.94
N GLY A 209 -17.70 -10.46 16.67
CA GLY A 209 -18.70 -11.01 15.78
C GLY A 209 -19.00 -12.46 16.13
N SER A 210 -17.96 -13.22 16.39
CA SER A 210 -18.13 -14.63 16.75
C SER A 210 -18.78 -14.75 18.12
N GLU A 211 -18.78 -13.65 18.87
CA GLU A 211 -19.39 -13.65 20.19
C GLU A 211 -20.87 -13.32 20.14
N ARG A 212 -21.21 -12.16 19.59
CA ARG A 212 -22.60 -11.74 19.48
C ARG A 212 -23.39 -12.73 18.64
N PHE A 213 -22.75 -13.30 17.62
CA PHE A 213 -23.39 -14.27 16.75
C PHE A 213 -23.17 -15.67 17.30
N ASP A 214 -22.40 -15.75 18.38
CA ASP A 214 -22.09 -17.00 19.06
C ASP A 214 -21.89 -18.16 18.08
N CYS A 215 -20.97 -17.98 17.14
CA CYS A 215 -20.68 -19.01 16.14
C CYS A 215 -19.24 -18.90 15.68
N THR A 216 -18.92 -19.59 14.59
CA THR A 216 -17.57 -19.55 14.04
C THR A 216 -17.53 -18.39 13.06
N TYR A 217 -16.43 -17.64 13.07
CA TYR A 217 -16.29 -16.49 12.19
C TYR A 217 -14.94 -16.57 11.49
N VAL A 218 -14.94 -16.46 10.16
CA VAL A 218 -13.71 -16.53 9.39
C VAL A 218 -13.48 -15.27 8.58
N TYR A 219 -12.31 -14.66 8.77
CA TYR A 219 -11.93 -13.46 8.05
C TYR A 219 -10.72 -13.78 7.15
N ALA A 220 -10.82 -13.50 5.86
CA ALA A 220 -9.72 -13.77 4.93
C ALA A 220 -9.47 -12.53 4.09
N ASN A 221 -8.25 -12.03 4.12
CA ASN A 221 -7.93 -10.82 3.39
C ASN A 221 -6.98 -11.03 2.22
N LEU A 222 -7.04 -10.12 1.25
CA LEU A 222 -6.17 -10.14 0.08
C LEU A 222 -4.77 -9.88 0.63
N LEU A 223 -3.74 -10.18 -0.16
CA LEU A 223 -2.35 -10.01 0.27
C LEU A 223 -1.44 -9.32 -0.75
N GLY A 224 -0.65 -8.35 -0.29
CA GLY A 224 0.30 -7.71 -1.17
C GLY A 224 -0.06 -6.37 -1.78
N ASN A 225 0.84 -5.84 -2.61
CA ASN A 225 0.58 -4.60 -3.30
C ASN A 225 -0.07 -5.08 -4.57
N GLU A 226 -1.40 -4.98 -4.60
CA GLU A 226 -2.18 -5.47 -5.71
C GLU A 226 -2.17 -4.64 -6.96
N ALA A 227 -2.44 -3.34 -6.80
CA ALA A 227 -2.55 -2.42 -7.92
C ALA A 227 -1.60 -1.22 -7.90
N GLY A 228 -0.80 -1.08 -6.85
CA GLY A 228 0.14 0.02 -6.80
C GLY A 228 0.23 0.83 -5.52
N ARG A 229 -0.91 1.36 -5.07
CA ARG A 229 -0.95 2.19 -3.86
C ARG A 229 -1.41 1.51 -2.58
N MSE A 230 -2.32 0.55 -2.71
CA MSE A 230 -2.86 -0.12 -1.53
C MSE A 230 -2.21 -1.47 -1.27
O MSE A 230 -2.18 -2.32 -2.16
CB MSE A 230 -4.37 -0.28 -1.67
CG MSE A 230 -5.10 0.95 -2.20
SE MSE A 230 -4.85 2.54 -1.08
CE MSE A 230 -5.97 2.00 0.35
N ILE A 231 -1.70 -1.66 -0.06
CA ILE A 231 -1.06 -2.89 0.35
C ILE A 231 -2.00 -3.66 1.30
N TYR A 232 -2.29 -4.91 0.96
CA TYR A 232 -3.18 -5.74 1.78
C TYR A 232 -2.31 -6.63 2.67
N ASP A 233 -2.71 -6.76 3.94
CA ASP A 233 -1.91 -7.53 4.90
C ASP A 233 -2.06 -9.05 4.90
N GLY A 234 -2.92 -9.59 4.05
CA GLY A 234 -3.08 -11.03 3.98
C GLY A 234 -3.48 -11.69 5.30
N GLU A 235 -4.06 -10.92 6.20
CA GLU A 235 -4.47 -11.49 7.48
C GLU A 235 -5.65 -12.44 7.31
N VAL A 236 -5.63 -13.51 8.08
CA VAL A 236 -6.70 -14.51 8.10
C VAL A 236 -6.93 -14.82 9.57
N LEU A 237 -8.17 -14.71 10.01
CA LEU A 237 -8.50 -14.98 11.41
C LEU A 237 -9.68 -15.95 11.52
N ILE A 238 -9.57 -16.90 12.45
CA ILE A 238 -10.63 -17.87 12.67
C ILE A 238 -11.01 -17.74 14.14
N ALA A 239 -12.25 -17.34 14.40
CA ALA A 239 -12.72 -17.16 15.77
C ALA A 239 -13.96 -18.00 16.04
N HIS A 240 -14.16 -18.36 17.30
CA HIS A 240 -15.30 -19.16 17.68
C HIS A 240 -15.84 -18.73 19.04
N LYS A 241 -17.09 -18.27 19.03
CA LYS A 241 -17.77 -17.82 20.24
C LYS A 241 -16.92 -16.99 21.18
N GLY A 242 -16.34 -15.89 20.66
CA GLY A 242 -15.54 -15.00 21.48
C GLY A 242 -14.05 -15.28 21.63
N LYS A 243 -13.56 -16.39 21.08
CA LYS A 243 -12.13 -16.71 21.18
C LYS A 243 -11.46 -16.83 19.82
N LEU A 244 -10.23 -16.33 19.72
CA LEU A 244 -9.50 -16.44 18.47
C LEU A 244 -8.92 -17.85 18.47
N ILE A 245 -9.26 -18.63 17.45
CA ILE A 245 -8.79 -20.01 17.35
C ILE A 245 -7.50 -20.13 16.55
N GLN A 246 -7.37 -19.33 15.49
CA GLN A 246 -6.17 -19.38 14.68
C GLN A 246 -5.98 -18.07 13.91
N ARG A 247 -4.74 -17.80 13.55
CA ARG A 247 -4.39 -16.60 12.80
C ARG A 247 -3.13 -16.92 12.03
N ASN A 248 -2.91 -16.23 10.92
CA ASN A 248 -1.70 -16.51 10.15
C ASN A 248 -0.74 -15.34 10.33
N ASP A 249 0.41 -15.44 9.69
CA ASP A 249 1.40 -14.38 9.77
C ASP A 249 1.11 -13.39 8.66
N ARG A 250 0.95 -12.13 9.03
CA ARG A 250 0.62 -11.08 8.06
C ARG A 250 1.78 -10.67 7.15
N LEU A 251 1.42 -10.05 6.03
CA LEU A 251 2.36 -9.53 5.05
C LEU A 251 3.43 -10.51 4.55
N SER A 252 3.00 -11.74 4.29
CA SER A 252 3.86 -12.80 3.77
C SER A 252 4.24 -12.51 2.31
N PHE A 253 5.41 -13.02 1.90
CA PHE A 253 5.89 -12.86 0.54
C PHE A 253 5.41 -13.99 -0.37
N LYS A 254 4.66 -14.93 0.20
CA LYS A 254 4.11 -16.04 -0.57
C LYS A 254 2.86 -15.61 -1.30
N ASN A 255 2.49 -16.32 -2.36
CA ASN A 255 1.29 -15.98 -3.11
C ASN A 255 0.04 -16.53 -2.45
N VAL A 256 0.21 -17.50 -1.56
CA VAL A 256 -0.91 -18.13 -0.86
C VAL A 256 -0.56 -18.38 0.59
N ASN A 257 -1.47 -18.02 1.49
CA ASN A 257 -1.25 -18.23 2.92
C ASN A 257 -2.54 -18.83 3.49
N LEU A 258 -2.50 -20.11 3.80
CA LEU A 258 -3.66 -20.81 4.34
C LEU A 258 -3.54 -21.19 5.81
N ILE A 259 -4.65 -21.12 6.53
CA ILE A 259 -4.69 -21.56 7.91
C ILE A 259 -6.04 -22.22 8.10
N TYR A 260 -6.16 -23.09 9.10
CA TYR A 260 -7.41 -23.77 9.35
C TYR A 260 -7.43 -24.22 10.79
N ALA A 261 -8.58 -24.68 11.24
CA ALA A 261 -8.74 -25.14 12.62
C ALA A 261 -9.92 -26.08 12.70
N ASP A 262 -9.88 -26.99 13.66
CA ASP A 262 -10.97 -27.93 13.87
C ASP A 262 -11.88 -27.33 14.94
N ILE A 263 -13.13 -27.09 14.59
CA ILE A 263 -14.08 -26.49 15.51
C ILE A 263 -15.04 -27.54 16.05
N ALA A 264 -15.16 -27.59 17.37
CA ALA A 264 -16.01 -28.55 18.08
C ALA A 264 -17.45 -28.59 17.56
N THR A 265 -18.04 -29.78 17.60
CA THR A 265 -19.40 -30.03 17.15
C THR A 265 -19.65 -29.48 15.75
N LEU A 280 2.95 -4.82 16.51
CA LEU A 280 1.91 -3.86 16.87
C LEU A 280 2.38 -2.40 16.87
N GLU A 281 3.69 -2.18 16.91
CA GLU A 281 4.21 -0.82 16.88
C GLU A 281 4.27 -0.35 15.42
N LYS A 282 3.92 0.91 15.19
CA LYS A 282 3.93 1.47 13.84
C LYS A 282 5.21 1.24 13.06
N GLU A 283 6.34 1.42 13.71
CA GLU A 283 7.64 1.24 13.06
C GLU A 283 7.77 -0.17 12.49
N PHE A 284 7.26 -1.16 13.23
CA PHE A 284 7.31 -2.55 12.82
C PHE A 284 6.36 -2.82 11.63
N GLU A 285 5.11 -2.40 11.77
CA GLU A 285 4.13 -2.57 10.72
C GLU A 285 4.61 -1.92 9.43
N PHE A 286 5.22 -0.75 9.57
CA PHE A 286 5.74 -0.01 8.42
C PHE A 286 6.82 -0.84 7.74
N TRP A 287 7.70 -1.44 8.54
CA TRP A 287 8.77 -2.27 8.03
C TRP A 287 8.19 -3.42 7.21
N GLU A 288 7.22 -4.11 7.78
CA GLU A 288 6.58 -5.24 7.11
C GLU A 288 5.86 -4.84 5.83
N ALA A 289 5.00 -3.83 5.93
CA ALA A 289 4.22 -3.36 4.81
C ALA A 289 5.01 -2.83 3.63
N THR A 290 5.99 -1.96 3.88
CA THR A 290 6.77 -1.41 2.80
C THR A 290 7.70 -2.44 2.17
N SER A 291 8.15 -3.41 2.95
CA SER A 291 9.02 -4.45 2.40
C SER A 291 8.24 -5.22 1.34
N LEU A 292 7.04 -5.69 1.67
CA LEU A 292 6.23 -6.41 0.69
C LEU A 292 5.77 -5.47 -0.44
N GLY A 293 5.39 -4.26 -0.06
CA GLY A 293 4.94 -3.28 -1.04
C GLY A 293 5.93 -3.02 -2.17
N LEU A 294 7.19 -2.85 -1.81
CA LEU A 294 8.24 -2.59 -2.80
C LEU A 294 8.45 -3.82 -3.67
N PHE A 295 8.55 -4.99 -3.04
CA PHE A 295 8.77 -6.23 -3.77
C PHE A 295 7.72 -6.42 -4.86
N ASP A 296 6.43 -6.35 -4.48
CA ASP A 296 5.35 -6.50 -5.45
C ASP A 296 5.36 -5.38 -6.50
N TYR A 297 5.53 -4.14 -6.08
CA TYR A 297 5.53 -3.06 -7.06
C TYR A 297 6.64 -3.30 -8.08
N MSE A 298 7.82 -3.66 -7.61
CA MSE A 298 8.95 -3.92 -8.49
C MSE A 298 8.69 -5.05 -9.47
O MSE A 298 8.90 -4.89 -10.66
CB MSE A 298 10.21 -4.24 -7.68
CG MSE A 298 11.43 -4.53 -8.54
SE MSE A 298 12.86 -5.43 -7.55
CE MSE A 298 12.00 -7.16 -7.33
N ARG A 299 8.25 -6.21 -8.97
CA ARG A 299 8.04 -7.34 -9.86
C ARG A 299 6.84 -7.16 -10.79
N LYS A 300 5.76 -6.60 -10.26
CA LYS A 300 4.57 -6.44 -11.09
C LYS A 300 4.73 -5.41 -12.19
N SER A 301 5.60 -4.42 -11.98
CA SER A 301 5.85 -3.40 -13.00
C SER A 301 7.00 -3.87 -13.88
N ARG A 302 7.51 -5.07 -13.58
CA ARG A 302 8.62 -5.67 -14.32
C ARG A 302 9.86 -4.77 -14.37
N SER A 303 10.14 -4.12 -13.24
CA SER A 303 11.29 -3.25 -13.12
C SER A 303 12.53 -4.03 -12.69
N LYS A 304 13.66 -3.75 -13.32
CA LYS A 304 14.90 -4.43 -12.96
C LYS A 304 15.56 -3.67 -11.83
N GLY A 305 14.99 -3.78 -10.64
CA GLY A 305 15.58 -3.10 -9.50
C GLY A 305 15.25 -1.63 -9.41
N PHE A 306 15.94 -0.93 -8.52
CA PHE A 306 15.72 0.48 -8.28
C PHE A 306 16.98 1.32 -8.47
N VAL A 307 16.77 2.61 -8.66
CA VAL A 307 17.84 3.58 -8.78
C VAL A 307 17.45 4.65 -7.76
N LEU A 308 18.40 5.08 -6.95
CA LEU A 308 18.13 6.06 -5.91
C LEU A 308 19.29 7.06 -5.80
N SER A 309 18.96 8.33 -5.65
CA SER A 309 19.96 9.37 -5.49
C SER A 309 20.15 9.57 -3.98
N LEU A 310 21.37 9.33 -3.50
CA LEU A 310 21.66 9.50 -2.09
C LEU A 310 22.27 10.87 -1.81
N SER A 311 21.64 11.61 -0.91
CA SER A 311 22.13 12.94 -0.56
C SER A 311 22.61 12.97 0.88
N GLY A 312 22.44 11.86 1.58
CA GLY A 312 22.84 11.78 2.97
C GLY A 312 21.74 12.27 3.88
N GLY A 313 20.57 12.55 3.30
CA GLY A 313 19.45 13.01 4.08
C GLY A 313 18.60 11.88 4.62
N ALA A 314 17.65 12.21 5.48
CA ALA A 314 16.77 11.22 6.08
C ALA A 314 15.89 10.48 5.09
N ASP A 315 15.24 11.21 4.19
CA ASP A 315 14.34 10.58 3.23
C ASP A 315 15.04 9.56 2.33
N SER A 316 16.12 9.98 1.68
CA SER A 316 16.85 9.10 0.79
C SER A 316 17.44 7.89 1.52
N SER A 317 17.77 8.08 2.79
CA SER A 317 18.33 6.98 3.57
C SER A 317 17.21 6.00 3.92
N ALA A 318 16.05 6.52 4.28
CA ALA A 318 14.93 5.65 4.60
C ALA A 318 14.59 4.76 3.40
N CYS A 319 14.60 5.34 2.21
CA CYS A 319 14.31 4.59 1.00
C CYS A 319 15.37 3.51 0.71
N ALA A 320 16.63 3.84 0.96
CA ALA A 320 17.71 2.88 0.74
C ALA A 320 17.51 1.65 1.63
N ILE A 321 17.28 1.89 2.91
CA ILE A 321 17.09 0.80 3.86
C ILE A 321 15.88 -0.05 3.50
N MSE A 322 14.83 0.60 3.02
CA MSE A 322 13.60 -0.11 2.65
C MSE A 322 13.83 -1.13 1.54
O MSE A 322 13.32 -2.25 1.61
CB MSE A 322 12.52 0.89 2.24
CG MSE A 322 11.99 1.69 3.42
SE MSE A 322 11.14 3.35 2.94
CE MSE A 322 9.35 2.68 2.55
N VAL A 323 14.61 -0.76 0.52
CA VAL A 323 14.91 -1.69 -0.56
C VAL A 323 15.77 -2.81 0.01
N ALA A 324 16.73 -2.41 0.85
CA ALA A 324 17.63 -3.37 1.49
C ALA A 324 16.87 -4.40 2.32
N GLU A 325 15.92 -3.92 3.11
CA GLU A 325 15.11 -4.77 3.96
C GLU A 325 14.17 -5.67 3.14
N MSE A 326 13.64 -5.13 2.05
CA MSE A 326 12.75 -5.90 1.19
C MSE A 326 13.48 -7.12 0.65
O MSE A 326 12.94 -8.23 0.67
CB MSE A 326 12.26 -5.01 0.02
CG MSE A 326 11.45 -5.74 -1.04
SE MSE A 326 12.49 -6.68 -2.39
CE MSE A 326 12.92 -5.17 -3.53
N ILE A 327 14.70 -6.91 0.18
CA ILE A 327 15.51 -7.98 -0.37
C ILE A 327 15.82 -9.07 0.65
N ARG A 328 16.19 -8.65 1.85
CA ARG A 328 16.53 -9.59 2.91
C ARG A 328 15.30 -10.31 3.46
N LYS A 329 14.21 -9.59 3.65
CA LYS A 329 13.00 -10.23 4.18
C LYS A 329 12.51 -11.27 3.19
N GLY A 330 12.47 -10.91 1.90
CA GLY A 330 12.02 -11.83 0.87
C GLY A 330 12.95 -13.03 0.66
N LEU A 331 14.25 -12.76 0.54
CA LEU A 331 15.22 -13.83 0.34
C LEU A 331 15.07 -14.88 1.45
N LYS A 332 14.85 -14.38 2.67
CA LYS A 332 14.70 -15.24 3.83
C LYS A 332 13.47 -16.14 3.75
N GLU A 333 12.30 -15.56 3.55
CA GLU A 333 11.08 -16.35 3.50
C GLU A 333 10.97 -17.28 2.30
N LEU A 334 11.40 -16.82 1.14
CA LEU A 334 11.29 -17.62 -0.08
C LEU A 334 12.52 -18.44 -0.48
N GLY A 335 13.70 -18.01 -0.06
CA GLY A 335 14.90 -18.72 -0.44
C GLY A 335 15.45 -18.12 -1.71
N LEU A 336 16.75 -18.33 -1.95
CA LEU A 336 17.41 -17.76 -3.13
C LEU A 336 16.73 -18.02 -4.47
N THR A 337 16.48 -19.28 -4.77
CA THR A 337 15.88 -19.64 -6.04
C THR A 337 14.48 -19.05 -6.26
N ALA A 338 13.61 -19.22 -5.28
CA ALA A 338 12.25 -18.72 -5.38
C ALA A 338 12.18 -17.19 -5.42
N PHE A 339 12.92 -16.55 -4.53
CA PHE A 339 12.93 -15.08 -4.48
C PHE A 339 13.42 -14.46 -5.79
N LEU A 340 14.56 -14.94 -6.30
CA LEU A 340 15.09 -14.40 -7.54
C LEU A 340 14.19 -14.70 -8.72
N GLN A 341 13.58 -15.88 -8.69
CA GLN A 341 12.68 -16.26 -9.76
C GLN A 341 11.45 -15.35 -9.72
N LYS A 342 10.91 -15.11 -8.54
CA LYS A 342 9.74 -14.27 -8.41
C LYS A 342 10.09 -12.82 -8.75
N SER A 343 11.35 -12.46 -8.56
CA SER A 343 11.82 -11.11 -8.88
C SER A 343 12.03 -10.95 -10.39
N ASN A 344 12.02 -12.08 -11.09
CA ASN A 344 12.20 -12.09 -12.54
C ASN A 344 13.55 -11.52 -13.00
N MSE A 345 14.60 -11.86 -12.26
CA MSE A 345 15.94 -11.38 -12.60
C MSE A 345 16.99 -12.46 -12.36
O MSE A 345 18.18 -12.16 -12.22
CB MSE A 345 16.29 -10.16 -11.77
CG MSE A 345 15.47 -8.93 -12.13
SE MSE A 345 15.92 -7.46 -10.99
CE MSE A 345 14.53 -7.67 -9.68
N GLU A 346 16.55 -13.71 -12.31
CA GLU A 346 17.46 -14.83 -12.07
C GLU A 346 18.57 -14.93 -13.12
N THR A 347 18.28 -14.56 -14.36
CA THR A 347 19.28 -14.63 -15.42
C THR A 347 20.42 -13.65 -15.14
N LEU A 348 20.14 -12.62 -14.36
CA LEU A 348 21.13 -11.61 -14.02
C LEU A 348 22.10 -12.16 -12.97
N PHE A 349 21.83 -13.36 -12.48
CA PHE A 349 22.70 -13.98 -11.48
C PHE A 349 23.25 -15.32 -11.95
N ASP A 350 24.26 -15.81 -11.26
CA ASP A 350 24.91 -17.06 -11.62
C ASP A 350 24.37 -18.28 -10.88
N LEU A 351 24.63 -18.35 -9.58
CA LEU A 351 24.21 -19.49 -8.75
C LEU A 351 25.10 -20.68 -9.14
N PRO A 352 26.37 -20.68 -8.69
CA PRO A 352 27.12 -19.73 -7.86
C PRO A 352 26.29 -18.77 -7.02
N ALA A 353 25.63 -19.33 -6.03
CA ALA A 353 24.77 -18.61 -5.10
C ALA A 353 24.20 -19.70 -4.22
N LEU A 354 23.26 -19.35 -3.33
CA LEU A 354 22.66 -20.34 -2.44
C LEU A 354 23.76 -21.25 -1.89
N GLN A 355 24.97 -20.70 -1.83
CA GLN A 355 26.13 -21.43 -1.34
C GLN A 355 27.02 -20.47 -0.56
N HIS A 356 26.76 -19.18 -0.74
CA HIS A 356 27.52 -18.12 -0.08
C HIS A 356 27.06 -17.91 1.36
N LEU A 357 28.00 -17.51 2.21
CA LEU A 357 27.72 -17.28 3.62
C LEU A 357 28.10 -15.86 4.01
N PRO A 358 27.44 -15.31 5.04
CA PRO A 358 26.39 -15.94 5.84
C PRO A 358 25.01 -15.36 5.49
N PHE A 359 24.48 -15.72 4.32
CA PHE A 359 23.17 -15.22 3.88
C PHE A 359 23.31 -13.78 3.40
N GLU A 360 24.02 -12.98 4.19
CA GLU A 360 24.23 -11.58 3.89
C GLU A 360 25.11 -11.38 2.64
N GLU A 361 25.97 -12.34 2.36
CA GLU A 361 26.83 -12.23 1.18
C GLU A 361 26.01 -12.32 -0.09
N GLN A 362 25.06 -13.25 -0.10
CA GLN A 362 24.20 -13.39 -1.27
C GLN A 362 23.22 -12.22 -1.29
N ALA A 363 22.95 -11.68 -0.11
CA ALA A 363 22.04 -10.53 0.01
C ALA A 363 22.73 -9.29 -0.57
N LYS A 364 24.04 -9.20 -0.38
CA LYS A 364 24.78 -8.06 -0.90
C LYS A 364 24.92 -8.15 -2.41
N LYS A 365 25.16 -9.36 -2.91
CA LYS A 365 25.30 -9.53 -4.36
C LYS A 365 23.97 -9.17 -5.03
N ILE A 366 22.87 -9.51 -4.38
CA ILE A 366 21.54 -9.22 -4.92
C ILE A 366 21.26 -7.71 -4.88
N THR A 367 21.57 -7.10 -3.74
CA THR A 367 21.36 -5.67 -3.59
C THR A 367 22.18 -4.87 -4.61
N ALA A 368 23.33 -5.41 -5.01
CA ALA A 368 24.18 -4.72 -5.97
C ALA A 368 23.48 -4.63 -7.32
N VAL A 369 22.69 -5.65 -7.62
CA VAL A 369 21.95 -5.68 -8.88
C VAL A 369 20.59 -4.98 -8.72
N PHE A 370 19.96 -5.16 -7.57
CA PHE A 370 18.65 -4.58 -7.27
C PHE A 370 18.65 -3.07 -6.98
N LEU A 371 19.65 -2.62 -6.23
CA LEU A 371 19.74 -1.20 -5.87
C LEU A 371 21.01 -0.51 -6.40
N THR A 372 20.81 0.54 -7.18
CA THR A 372 21.91 1.31 -7.75
C THR A 372 21.80 2.72 -7.18
N THR A 373 22.73 3.08 -6.30
CA THR A 373 22.70 4.42 -5.69
C THR A 373 23.73 5.35 -6.30
N ALA A 374 23.51 6.65 -6.12
CA ALA A 374 24.44 7.64 -6.65
C ALA A 374 24.43 8.92 -5.85
N TYR A 375 25.63 9.40 -5.53
CA TYR A 375 25.81 10.64 -4.79
C TYR A 375 26.16 11.68 -5.84
N GLN A 376 25.28 12.65 -6.03
CA GLN A 376 25.49 13.71 -7.01
C GLN A 376 25.90 14.99 -6.29
N SER A 377 27.08 15.48 -6.63
CA SER A 377 27.59 16.69 -5.98
C SER A 377 27.77 17.90 -6.89
N THR A 378 28.05 19.02 -6.24
CA THR A 378 28.31 20.28 -6.93
C THR A 378 29.42 20.87 -6.10
N ARG A 379 29.79 22.11 -6.42
CA ARG A 379 30.83 22.76 -5.65
C ARG A 379 30.26 22.96 -4.24
N ASN A 380 28.94 22.92 -4.07
CA ASN A 380 28.41 23.12 -2.71
C ASN A 380 28.33 21.92 -1.75
N SER A 381 28.56 20.70 -2.24
CA SER A 381 28.53 19.55 -1.35
C SER A 381 29.69 19.76 -0.40
N GLY A 382 29.85 18.90 0.60
CA GLY A 382 30.96 19.05 1.52
C GLY A 382 31.43 17.75 2.15
N ASP A 383 31.50 16.69 1.36
CA ASP A 383 31.96 15.38 1.80
C ASP A 383 31.29 14.83 3.06
N GLU A 384 30.68 15.71 3.84
CA GLU A 384 30.00 15.31 5.07
C GLU A 384 28.88 14.34 4.70
N THR A 385 28.05 14.75 3.74
CA THR A 385 26.93 13.94 3.28
C THR A 385 27.44 12.80 2.40
N TYR A 386 28.57 13.05 1.72
CA TYR A 386 29.17 12.05 0.84
C TYR A 386 29.46 10.77 1.63
N THR A 387 30.25 10.90 2.69
CA THR A 387 30.61 9.77 3.52
C THR A 387 29.35 9.07 4.04
N SER A 388 28.36 9.86 4.46
CA SER A 388 27.11 9.31 4.97
C SER A 388 26.41 8.46 3.92
N ALA A 389 26.47 8.90 2.66
CA ALA A 389 25.84 8.17 1.57
C ALA A 389 26.68 6.97 1.15
N LYS A 390 28.00 7.16 1.14
CA LYS A 390 28.92 6.09 0.75
C LYS A 390 28.88 4.95 1.78
N THR A 391 28.85 5.32 3.05
CA THR A 391 28.82 4.34 4.13
C THR A 391 27.57 3.48 3.98
N LEU A 392 26.41 4.12 3.96
CA LEU A 392 25.13 3.44 3.83
C LEU A 392 25.13 2.47 2.67
N ALA A 393 25.50 2.96 1.49
CA ALA A 393 25.52 2.13 0.30
C ALA A 393 26.41 0.89 0.45
N GLU A 394 27.58 1.07 1.05
CA GLU A 394 28.52 -0.04 1.23
C GLU A 394 28.01 -1.09 2.20
N SER A 395 27.37 -0.65 3.27
CA SER A 395 26.85 -1.53 4.29
C SER A 395 25.69 -2.43 3.86
N ILE A 396 25.12 -2.18 2.69
CA ILE A 396 24.00 -2.99 2.21
C ILE A 396 24.35 -3.70 0.91
N GLY A 397 25.49 -3.34 0.34
CA GLY A 397 25.92 -3.97 -0.91
C GLY A 397 25.35 -3.34 -2.16
N ALA A 398 24.70 -2.19 -2.03
CA ALA A 398 24.12 -1.51 -3.18
C ALA A 398 25.26 -0.96 -4.03
N THR A 399 25.07 -0.96 -5.35
CA THR A 399 26.09 -0.41 -6.25
C THR A 399 26.10 1.10 -6.01
N PHE A 400 27.29 1.63 -5.71
CA PHE A 400 27.43 3.06 -5.44
C PHE A 400 28.21 3.81 -6.51
N TYR A 401 27.60 4.84 -7.08
CA TYR A 401 28.26 5.64 -8.09
C TYR A 401 28.39 7.06 -7.58
N ASN A 402 29.32 7.82 -8.16
CA ASN A 402 29.55 9.19 -7.75
C ASN A 402 29.95 10.07 -8.93
N TRP A 403 29.31 11.23 -9.03
CA TRP A 403 29.61 12.16 -10.09
C TRP A 403 29.23 13.58 -9.69
N SER A 404 29.57 14.54 -10.53
CA SER A 404 29.27 15.94 -10.27
C SER A 404 28.32 16.46 -11.32
N VAL A 405 27.44 17.36 -10.91
CA VAL A 405 26.48 17.97 -11.82
C VAL A 405 26.73 19.48 -11.84
N ASP A 406 27.81 19.89 -11.17
CA ASP A 406 28.20 21.30 -11.08
C ASP A 406 28.33 21.95 -12.45
N GLU A 407 29.01 21.27 -13.37
CA GLU A 407 29.22 21.80 -14.71
C GLU A 407 27.91 22.07 -15.44
N GLU A 408 26.97 21.13 -15.36
CA GLU A 408 25.69 21.31 -16.03
C GLU A 408 24.83 22.39 -15.37
N ILE A 409 24.80 22.40 -14.05
CA ILE A 409 24.02 23.40 -13.32
C ILE A 409 24.58 24.81 -13.55
N GLU A 410 25.90 24.94 -13.46
CA GLU A 410 26.55 26.23 -13.66
C GLU A 410 26.31 26.72 -15.09
N GLN A 411 26.31 25.78 -16.04
CA GLN A 411 26.10 26.12 -17.43
C GLN A 411 24.63 26.54 -17.64
N TYR A 412 23.72 25.89 -16.92
CA TYR A 412 22.31 26.25 -17.02
C TYR A 412 22.15 27.65 -16.46
N LYS A 413 22.62 27.84 -15.24
CA LYS A 413 22.54 29.14 -14.57
C LYS A 413 23.16 30.25 -15.40
N ALA A 414 24.31 29.97 -16.00
CA ALA A 414 24.99 30.97 -16.82
C ALA A 414 24.11 31.36 -18.00
N THR A 415 23.53 30.37 -18.67
CA THR A 415 22.67 30.63 -19.82
C THR A 415 21.47 31.49 -19.47
N ILE A 416 20.90 31.25 -18.28
CA ILE A 416 19.74 32.03 -17.86
C ILE A 416 20.16 33.48 -17.60
N GLU A 417 21.16 33.67 -16.74
CA GLU A 417 21.64 35.01 -16.43
C GLU A 417 21.88 35.79 -17.72
N ASN A 418 22.34 35.09 -18.75
CA ASN A 418 22.61 35.71 -20.04
C ASN A 418 21.31 36.07 -20.76
N VAL A 419 20.35 35.15 -20.72
CA VAL A 419 19.06 35.36 -21.35
C VAL A 419 18.28 36.52 -20.74
N ILE A 420 18.29 36.61 -19.41
CA ILE A 420 17.58 37.67 -18.71
C ILE A 420 18.45 38.90 -18.57
N GLU A 421 19.63 38.87 -19.18
CA GLU A 421 20.57 39.98 -19.15
C GLU A 421 20.77 40.57 -17.75
N ARG A 422 21.07 39.70 -16.78
CA ARG A 422 21.32 40.13 -15.41
C ARG A 422 21.77 38.93 -14.58
N PRO A 423 22.36 39.19 -13.41
CA PRO A 423 22.84 38.11 -12.52
C PRO A 423 21.80 37.58 -11.57
N LEU A 424 21.85 36.27 -11.30
CA LEU A 424 20.94 35.62 -10.39
C LEU A 424 21.62 35.57 -9.03
N THR A 425 21.01 36.18 -8.03
CA THR A 425 21.58 36.20 -6.69
C THR A 425 20.62 35.65 -5.66
N TRP A 426 21.13 35.32 -4.48
CA TRP A 426 20.31 34.81 -3.40
C TRP A 426 19.25 35.84 -3.05
N GLU A 427 19.39 37.03 -3.65
CA GLU A 427 18.46 38.12 -3.41
C GLU A 427 17.33 38.10 -4.45
N LYS A 428 16.15 37.71 -4.00
CA LYS A 428 14.97 37.64 -4.85
C LYS A 428 15.06 36.62 -5.98
N ASP A 429 16.07 35.77 -5.92
CA ASP A 429 16.27 34.72 -6.91
C ASP A 429 16.54 33.44 -6.12
N ASP A 430 16.32 33.54 -4.82
CA ASP A 430 16.52 32.44 -3.88
C ASP A 430 15.87 31.15 -4.35
N ILE A 431 14.54 31.16 -4.51
CA ILE A 431 13.79 29.99 -4.94
C ILE A 431 14.35 29.38 -6.23
N THR A 432 14.55 30.22 -7.24
CA THR A 432 15.07 29.78 -8.53
C THR A 432 16.39 29.03 -8.38
N LEU A 433 17.31 29.60 -7.60
CA LEU A 433 18.62 28.99 -7.39
C LEU A 433 18.47 27.67 -6.66
N GLN A 434 17.58 27.64 -5.67
CA GLN A 434 17.35 26.43 -4.90
C GLN A 434 16.80 25.30 -5.78
N ASN A 435 15.88 25.64 -6.68
CA ASN A 435 15.27 24.66 -7.57
C ASN A 435 16.20 24.05 -8.63
N ILE A 436 17.18 24.83 -9.08
CA ILE A 436 18.09 24.32 -10.09
C ILE A 436 18.92 23.17 -9.53
N GLN A 437 19.18 23.21 -8.23
CA GLN A 437 19.96 22.16 -7.56
C GLN A 437 19.34 20.78 -7.74
N ALA A 438 18.03 20.68 -7.60
CA ALA A 438 17.35 19.40 -7.74
C ALA A 438 17.09 19.03 -9.20
N ARG A 439 16.62 19.99 -9.99
CA ARG A 439 16.34 19.72 -11.39
C ARG A 439 17.57 19.37 -12.21
N GLY A 440 18.73 19.88 -11.79
CA GLY A 440 19.96 19.58 -12.52
C GLY A 440 20.40 18.14 -12.29
N ARG A 441 19.91 17.54 -11.22
CA ARG A 441 20.26 16.16 -10.89
C ARG A 441 19.31 15.15 -11.51
N ALA A 442 18.16 15.61 -11.98
CA ALA A 442 17.14 14.74 -12.57
C ALA A 442 17.50 14.03 -13.87
N PRO A 443 17.97 14.78 -14.90
CA PRO A 443 18.32 14.19 -16.19
C PRO A 443 19.23 12.97 -16.18
N ILE A 444 20.34 13.06 -15.45
CA ILE A 444 21.30 11.95 -15.41
C ILE A 444 20.86 10.78 -14.54
N ILE A 445 20.30 11.05 -13.37
CA ILE A 445 19.84 9.95 -12.53
C ILE A 445 18.79 9.13 -13.29
N TRP A 446 18.05 9.80 -14.16
CA TRP A 446 17.03 9.14 -14.97
C TRP A 446 17.71 8.34 -16.08
N MSE A 447 18.82 8.88 -16.58
CA MSE A 447 19.56 8.22 -17.64
C MSE A 447 20.13 6.91 -17.08
O MSE A 447 20.13 5.89 -17.77
CB MSE A 447 20.68 9.15 -18.12
CG MSE A 447 21.51 8.63 -19.29
SE MSE A 447 22.45 10.08 -20.17
CE MSE A 447 21.73 9.86 -21.93
N LEU A 448 20.60 6.94 -15.84
CA LEU A 448 21.14 5.74 -15.21
C LEU A 448 19.99 4.74 -15.05
N THR A 449 18.81 5.24 -14.73
CA THR A 449 17.64 4.41 -14.55
C THR A 449 17.24 3.71 -15.85
N ASN A 450 17.23 4.45 -16.95
CA ASN A 450 16.87 3.89 -18.25
C ASN A 450 17.89 2.83 -18.69
N VAL A 451 19.15 3.06 -18.38
CA VAL A 451 20.20 2.10 -18.73
C VAL A 451 19.93 0.79 -17.98
N LYS A 452 19.62 0.91 -16.71
CA LYS A 452 19.35 -0.25 -15.86
C LYS A 452 17.95 -0.84 -16.07
N GLN A 453 17.06 -0.08 -16.72
CA GLN A 453 15.69 -0.52 -16.95
C GLN A 453 15.07 -0.72 -15.57
N ALA A 454 15.45 0.16 -14.66
CA ALA A 454 15.00 0.12 -13.29
C ALA A 454 13.87 1.09 -12.97
N LEU A 455 13.52 1.14 -11.69
CA LEU A 455 12.46 2.01 -11.21
C LEU A 455 13.12 3.12 -10.40
N LEU A 456 12.98 4.36 -10.86
CA LEU A 456 13.57 5.50 -10.16
C LEU A 456 12.75 5.95 -8.97
N ILE A 457 13.38 5.95 -7.80
CA ILE A 457 12.75 6.35 -6.56
C ILE A 457 12.79 7.85 -6.27
N THR A 458 11.64 8.44 -5.94
CA THR A 458 11.59 9.84 -5.55
C THR A 458 11.41 9.70 -4.05
N THR A 459 12.14 10.51 -3.28
CA THR A 459 12.14 10.39 -1.81
C THR A 459 11.25 11.31 -0.96
N SER A 460 10.41 12.13 -1.57
CA SER A 460 9.57 13.05 -0.78
C SER A 460 8.62 12.36 0.21
N ASN A 461 8.45 12.96 1.39
CA ASN A 461 7.53 12.41 2.38
C ASN A 461 6.25 13.23 2.39
N ARG A 462 5.28 12.80 3.19
CA ARG A 462 4.00 13.47 3.24
C ARG A 462 4.03 14.92 3.77
N SER A 463 4.92 15.19 4.73
CA SER A 463 5.01 16.55 5.27
C SER A 463 5.41 17.49 4.13
N GLU A 464 6.39 17.08 3.36
CA GLU A 464 6.87 17.86 2.23
C GLU A 464 5.74 18.01 1.21
N GLY A 465 4.93 16.97 1.11
CA GLY A 465 3.80 17.00 0.19
C GLY A 465 2.73 18.00 0.61
N ASP A 466 2.59 18.24 1.91
CA ASP A 466 1.58 19.18 2.38
C ASP A 466 1.80 20.61 1.86
N VAL A 467 3.05 21.06 1.91
CA VAL A 467 3.39 22.43 1.56
C VAL A 467 4.22 22.70 0.31
N GLY A 468 4.26 21.74 -0.61
CA GLY A 468 5.00 21.94 -1.85
C GLY A 468 6.51 22.10 -1.71
N TYR A 469 7.07 21.54 -0.63
CA TYR A 469 8.50 21.60 -0.33
C TYR A 469 9.37 21.08 -1.47
N ALA A 470 8.92 20.00 -2.11
CA ALA A 470 9.67 19.40 -3.20
C ALA A 470 9.68 20.25 -4.45
N THR A 471 10.77 20.15 -5.21
CA THR A 471 10.89 20.89 -6.46
C THR A 471 10.26 20.06 -7.56
N MSE A 472 9.19 20.59 -8.15
CA MSE A 472 8.48 19.88 -9.21
C MSE A 472 9.42 19.63 -10.37
O MSE A 472 10.04 20.56 -10.90
CB MSE A 472 7.28 20.70 -9.67
CG MSE A 472 6.25 19.90 -10.45
SE MSE A 472 5.31 18.58 -9.36
CE MSE A 472 6.02 16.98 -10.17
N ASP A 473 9.51 18.36 -10.76
CA ASP A 473 10.37 17.92 -11.85
C ASP A 473 11.84 17.99 -11.44
N GLY A 474 12.03 18.04 -10.12
CA GLY A 474 13.35 18.07 -9.54
C GLY A 474 13.49 16.81 -8.70
N ASP A 475 13.28 16.91 -7.39
CA ASP A 475 13.39 15.74 -6.55
C ASP A 475 12.08 14.94 -6.53
N THR A 476 11.17 15.30 -7.42
CA THR A 476 9.89 14.60 -7.55
C THR A 476 10.06 13.65 -8.73
N ALA A 477 11.19 13.76 -9.42
CA ALA A 477 11.46 12.90 -10.58
C ALA A 477 11.49 11.43 -10.17
N GLY A 478 10.84 10.58 -10.96
CA GLY A 478 10.82 9.16 -10.66
C GLY A 478 9.52 8.46 -10.96
N GLY A 479 9.48 7.17 -10.65
CA GLY A 479 8.28 6.38 -10.90
C GLY A 479 7.60 5.85 -9.66
N ILE A 480 8.22 6.01 -8.50
CA ILE A 480 7.61 5.55 -7.26
C ILE A 480 8.08 6.41 -6.09
N ALA A 481 7.16 6.74 -5.19
CA ALA A 481 7.44 7.55 -4.01
C ALA A 481 6.99 6.72 -2.81
N PRO A 482 7.85 5.80 -2.37
CA PRO A 482 7.57 4.90 -1.24
C PRO A 482 7.25 5.47 0.15
N ILE A 483 7.65 6.71 0.42
CA ILE A 483 7.34 7.26 1.74
C ILE A 483 6.51 8.53 1.71
N ALA A 484 5.89 8.79 0.55
CA ALA A 484 5.07 9.98 0.39
C ALA A 484 3.79 9.89 1.22
N GLY A 485 3.53 8.71 1.77
CA GLY A 485 2.34 8.53 2.57
C GLY A 485 2.54 8.71 4.08
N VAL A 486 3.79 8.88 4.49
CA VAL A 486 4.08 9.07 5.91
C VAL A 486 4.77 10.41 6.17
N ASP A 487 4.49 11.01 7.33
CA ASP A 487 5.05 12.32 7.66
C ASP A 487 6.50 12.29 8.09
N LYS A 488 7.13 13.46 8.10
CA LYS A 488 8.54 13.60 8.45
C LYS A 488 8.89 13.13 9.86
N ASP A 489 8.00 13.37 10.82
CA ASP A 489 8.28 12.95 12.20
C ASP A 489 8.29 11.42 12.32
N PHE A 490 7.60 10.74 11.40
CA PHE A 490 7.57 9.30 11.43
C PHE A 490 8.86 8.75 10.84
N ILE A 491 9.26 9.31 9.71
CA ILE A 491 10.50 8.88 9.07
C ILE A 491 11.62 8.99 10.09
N ARG A 492 11.54 10.01 10.93
CA ARG A 492 12.53 10.23 11.97
C ARG A 492 12.52 9.06 12.95
N SER A 493 11.34 8.78 13.49
CA SER A 493 11.16 7.69 14.45
C SER A 493 11.50 6.33 13.84
N TRP A 494 11.26 6.17 12.55
CA TRP A 494 11.55 4.89 11.89
C TRP A 494 13.03 4.65 11.61
N LEU A 495 13.75 5.71 11.23
CA LEU A 495 15.17 5.58 10.94
C LEU A 495 15.97 5.17 12.18
N ARG A 496 15.54 5.63 13.34
CA ARG A 496 16.22 5.27 14.58
C ARG A 496 15.91 3.80 14.85
N TRP A 497 14.65 3.44 14.64
CA TRP A 497 14.15 2.07 14.84
C TRP A 497 14.88 1.08 13.94
N ALA A 498 15.24 1.51 12.74
CA ALA A 498 15.93 0.66 11.77
C ALA A 498 17.35 0.33 12.18
N GLU A 499 18.12 1.36 12.54
CA GLU A 499 19.49 1.13 12.97
C GLU A 499 19.51 0.19 14.17
N LYS A 500 18.53 0.36 15.05
CA LYS A 500 18.40 -0.46 16.25
C LYS A 500 18.07 -1.93 16.00
N ASN A 501 16.87 -2.17 15.49
CA ASN A 501 16.40 -3.54 15.26
C ASN A 501 16.82 -4.26 13.99
N ARG A 502 17.14 -3.51 12.94
CA ARG A 502 17.54 -4.15 11.69
C ARG A 502 19.04 -4.19 11.49
N ASN A 503 19.79 -3.80 12.51
CA ASN A 503 21.25 -3.80 12.41
C ASN A 503 21.73 -2.98 11.24
N GLN A 504 21.06 -1.85 10.99
CA GLN A 504 21.45 -0.97 9.91
C GLN A 504 22.24 0.19 10.50
N HIS A 505 23.43 -0.14 11.01
CA HIS A 505 24.29 0.85 11.63
C HIS A 505 24.83 1.83 10.60
N GLY A 506 24.53 1.58 9.33
CA GLY A 506 24.97 2.46 8.29
C GLY A 506 24.21 3.78 8.40
N LEU A 507 23.24 3.79 9.32
CA LEU A 507 22.41 4.97 9.56
C LEU A 507 22.91 5.77 10.75
N HIS A 508 24.08 5.39 11.27
CA HIS A 508 24.62 6.08 12.44
C HIS A 508 24.79 7.57 12.21
N ILE A 509 25.43 7.95 11.10
CA ILE A 509 25.64 9.35 10.78
C ILE A 509 24.33 10.12 10.73
N VAL A 510 23.33 9.55 10.07
CA VAL A 510 22.01 10.20 9.99
C VAL A 510 21.34 10.00 11.35
N ASN A 511 21.99 10.52 12.40
CA ASN A 511 21.47 10.41 13.76
C ASN A 511 20.16 11.15 13.96
N ASP A 531 10.60 26.08 6.78
CA ASP A 531 9.74 25.68 5.66
C ASP A 531 8.81 24.55 6.11
N LEU A 532 9.33 23.67 6.95
CA LEU A 532 8.55 22.54 7.45
C LEU A 532 8.15 22.73 8.90
N MSE A 533 8.36 23.94 9.42
CA MSE A 533 8.00 24.26 10.79
C MSE A 533 8.64 23.24 11.73
O MSE A 533 8.12 22.15 11.93
CB MSE A 533 6.49 24.22 10.95
CG MSE A 533 5.76 25.12 10.03
SE MSE A 533 3.90 24.64 9.97
CE MSE A 533 3.50 25.34 8.21
N PRO A 534 9.77 23.60 12.33
CA PRO A 534 10.40 22.64 13.24
C PRO A 534 9.57 22.36 14.48
N TYR A 535 9.83 21.22 15.09
CA TYR A 535 9.19 20.78 16.34
C TYR A 535 7.78 20.19 16.31
N ASP A 536 7.46 19.37 15.30
CA ASP A 536 6.16 18.70 15.25
C ASP A 536 4.88 19.48 14.91
N VAL A 537 4.98 20.80 14.76
CA VAL A 537 3.80 21.62 14.45
C VAL A 537 3.12 21.32 13.10
N LEU A 538 3.91 21.02 12.08
CA LEU A 538 3.35 20.74 10.76
C LEU A 538 2.45 19.51 10.80
N ALA A 539 2.92 18.44 11.41
CA ALA A 539 2.12 17.22 11.50
C ALA A 539 0.83 17.46 12.27
N ARG A 540 0.89 18.28 13.32
CA ARG A 540 -0.30 18.54 14.11
C ARG A 540 -1.33 19.35 13.33
N ILE A 541 -0.85 20.28 12.51
CA ILE A 541 -1.77 21.09 11.73
C ILE A 541 -2.38 20.24 10.62
N GLU A 542 -1.54 19.46 9.94
CA GLU A 542 -2.00 18.60 8.86
C GLU A 542 -3.10 17.64 9.33
N ARG A 543 -2.89 17.00 10.47
CA ARG A 543 -3.88 16.07 10.99
C ARG A 543 -5.22 16.70 11.29
N LYS A 544 -5.20 17.85 11.96
CA LYS A 544 -6.44 18.53 12.29
C LYS A 544 -7.15 19.11 11.05
N ALA A 545 -6.36 19.57 10.08
CA ALA A 545 -6.92 20.15 8.85
C ALA A 545 -7.39 19.14 7.80
N ILE A 546 -6.57 18.14 7.55
CA ILE A 546 -6.88 17.13 6.55
C ILE A 546 -7.70 15.96 7.12
N LYS A 547 -7.13 15.23 8.06
CA LYS A 547 -7.83 14.09 8.64
C LYS A 547 -9.06 14.46 9.45
N GLU A 548 -8.94 15.46 10.32
CA GLU A 548 -10.03 15.89 11.18
C GLU A 548 -11.00 16.87 10.50
N ARG A 549 -10.63 17.33 9.31
CA ARG A 549 -11.47 18.22 8.52
C ARG A 549 -11.86 19.53 9.21
N LEU A 550 -10.98 20.06 10.06
CA LEU A 550 -11.28 21.30 10.77
C LEU A 550 -10.90 22.56 9.99
N SER A 551 -11.65 23.63 10.25
CA SER A 551 -11.39 24.91 9.61
C SER A 551 -10.15 25.50 10.25
N PRO A 552 -9.51 26.47 9.59
CA PRO A 552 -8.30 27.09 10.14
C PRO A 552 -8.47 27.57 11.58
N VAL A 553 -9.57 28.25 11.87
CA VAL A 553 -9.81 28.73 13.23
C VAL A 553 -9.95 27.56 14.21
N GLN A 554 -10.60 26.49 13.78
CA GLN A 554 -10.75 25.32 14.64
C GLN A 554 -9.40 24.68 14.93
N VAL A 555 -8.55 24.60 13.91
CA VAL A 555 -7.20 24.05 14.08
C VAL A 555 -6.42 24.90 15.08
N TYR A 556 -6.49 26.21 14.90
CA TYR A 556 -5.82 27.16 15.76
C TYR A 556 -6.29 27.02 17.20
N THR A 557 -7.61 27.00 17.38
CA THR A 557 -8.20 26.88 18.71
C THR A 557 -7.74 25.62 19.43
N ALA A 558 -7.66 24.52 18.70
CA ALA A 558 -7.22 23.25 19.27
C ALA A 558 -5.75 23.29 19.65
N LEU A 559 -4.93 23.91 18.79
CA LEU A 559 -3.50 23.99 19.06
C LEU A 559 -3.20 24.81 20.33
N LEU A 560 -3.99 25.85 20.55
CA LEU A 560 -3.81 26.70 21.72
C LEU A 560 -4.01 25.95 23.03
N THR A 561 -5.00 25.07 23.07
CA THR A 561 -5.29 24.28 24.27
C THR A 561 -4.21 23.24 24.52
N GLU A 562 -3.44 22.91 23.49
CA GLU A 562 -2.39 21.91 23.59
C GLU A 562 -1.01 22.50 23.87
N GLY A 563 -0.73 23.69 23.34
CA GLY A 563 0.55 24.33 23.56
C GLY A 563 1.64 23.87 22.60
N PRO A 564 2.88 24.34 22.76
CA PRO A 564 3.34 25.28 23.79
C PRO A 564 3.59 26.70 23.25
N TYR A 565 3.31 26.90 21.98
CA TYR A 565 3.54 28.21 21.37
C TYR A 565 2.44 29.23 21.62
N THR A 566 2.79 30.51 21.44
CA THR A 566 1.84 31.59 21.67
C THR A 566 0.84 31.73 20.52
N LYS A 567 -0.16 32.59 20.72
CA LYS A 567 -1.21 32.82 19.73
C LYS A 567 -0.69 33.22 18.34
N ASN A 568 0.15 34.25 18.29
CA ASN A 568 0.66 34.72 17.01
C ASN A 568 1.55 33.70 16.32
N GLU A 569 2.26 32.90 17.10
CA GLU A 569 3.12 31.88 16.51
C GLU A 569 2.27 30.83 15.82
N PHE A 570 1.22 30.36 16.50
CA PHE A 570 0.35 29.36 15.90
C PHE A 570 -0.44 29.96 14.76
N LYS A 571 -0.85 31.22 14.91
CA LYS A 571 -1.61 31.87 13.86
C LYS A 571 -0.74 31.92 12.61
N TYR A 572 0.54 32.23 12.79
CA TYR A 572 1.47 32.30 11.68
C TYR A 572 1.60 30.95 10.94
N TRP A 573 1.80 29.87 11.69
CA TRP A 573 1.96 28.56 11.08
C TRP A 573 0.68 27.98 10.48
N VAL A 574 -0.46 28.28 11.08
CA VAL A 574 -1.73 27.78 10.56
C VAL A 574 -2.01 28.45 9.21
N LYS A 575 -1.85 29.77 9.16
CA LYS A 575 -2.06 30.50 7.90
C LYS A 575 -1.10 29.99 6.84
N LYS A 576 0.16 29.78 7.25
CA LYS A 576 1.19 29.29 6.36
C LYS A 576 0.79 27.93 5.77
N PHE A 577 0.35 27.02 6.63
CA PHE A 577 -0.06 25.70 6.16
C PHE A 577 -1.16 25.77 5.10
N PHE A 578 -2.25 26.47 5.42
CA PHE A 578 -3.36 26.59 4.48
C PHE A 578 -2.99 27.32 3.20
N ARG A 579 -2.18 28.37 3.31
CA ARG A 579 -1.78 29.12 2.14
C ARG A 579 -0.96 28.21 1.24
N LEU A 580 0.09 27.61 1.81
CA LEU A 580 0.95 26.72 1.04
C LEU A 580 0.20 25.50 0.53
N TRP A 581 -0.79 25.04 1.29
CA TRP A 581 -1.55 23.88 0.86
C TRP A 581 -2.29 24.20 -0.44
N SER A 582 -3.02 25.30 -0.44
CA SER A 582 -3.81 25.69 -1.61
C SER A 582 -2.95 25.95 -2.84
N ILE A 583 -1.82 26.61 -2.64
CA ILE A 583 -0.92 26.93 -3.74
C ILE A 583 -0.34 25.69 -4.40
N ASN A 584 -0.05 24.67 -3.61
CA ASN A 584 0.58 23.46 -4.11
C ASN A 584 -0.25 22.21 -4.40
N GLN A 585 -1.56 22.35 -4.45
CA GLN A 585 -2.39 21.19 -4.74
C GLN A 585 -1.98 20.61 -6.10
N TRP A 586 -1.67 21.48 -7.05
CA TRP A 586 -1.28 21.00 -8.39
C TRP A 586 -0.08 20.05 -8.34
N LYS A 587 0.83 20.26 -7.39
CA LYS A 587 1.98 19.37 -7.27
C LYS A 587 1.56 17.97 -6.82
N ARG A 588 0.62 17.90 -5.87
CA ARG A 588 0.14 16.62 -5.38
C ARG A 588 -0.57 15.85 -6.49
N GLU A 589 -1.15 16.57 -7.43
CA GLU A 589 -1.84 15.95 -8.55
C GLU A 589 -0.81 15.31 -9.50
N ARG A 590 0.47 15.65 -9.31
CA ARG A 590 1.53 15.13 -10.18
C ARG A 590 2.53 14.17 -9.53
N LEU A 591 2.39 13.93 -8.22
CA LEU A 591 3.34 13.05 -7.54
C LEU A 591 3.31 11.59 -7.99
N ALA A 592 4.46 10.94 -7.91
CA ALA A 592 4.57 9.55 -8.30
C ALA A 592 3.70 8.69 -7.37
N PRO A 593 3.28 7.51 -7.85
CA PRO A 593 2.47 6.60 -7.05
C PRO A 593 3.15 6.33 -5.71
N SER A 594 2.37 6.36 -4.63
CA SER A 594 2.91 6.13 -3.27
C SER A 594 2.11 5.09 -2.50
N PHE A 595 2.70 4.57 -1.43
CA PHE A 595 2.02 3.55 -0.62
C PHE A 595 1.18 4.15 0.51
N HIS A 596 -0.05 3.69 0.66
CA HIS A 596 -0.90 4.16 1.75
C HIS A 596 -0.43 3.46 3.02
N MSE A 597 -0.18 4.23 4.08
CA MSE A 597 0.30 3.67 5.35
C MSE A 597 -0.44 4.13 6.61
O MSE A 597 -0.65 3.32 7.53
CB MSE A 597 1.79 4.01 5.53
CG MSE A 597 2.74 3.31 4.59
SE MSE A 597 2.94 1.43 5.00
CE MSE A 597 2.77 0.73 3.20
N ASP A 598 -0.83 5.39 6.65
CA ASP A 598 -1.49 6.01 7.81
C ASP A 598 -3.01 5.92 7.80
N ASP A 599 -3.66 6.74 8.64
CA ASP A 599 -5.11 6.74 8.69
C ASP A 599 -5.69 7.72 7.66
N PHE A 600 -4.85 8.12 6.72
CA PHE A 600 -5.27 8.99 5.63
C PHE A 600 -4.05 9.20 4.72
N ASN A 601 -4.25 9.81 3.56
CA ASN A 601 -3.11 10.12 2.71
C ASN A 601 -3.48 11.41 1.98
N ILE A 602 -2.54 12.03 1.29
CA ILE A 602 -2.86 13.27 0.63
C ILE A 602 -2.85 13.22 -0.88
N ASP A 603 -2.93 12.01 -1.44
CA ASP A 603 -2.96 11.89 -2.89
C ASP A 603 -4.38 12.09 -3.37
N PRO A 604 -4.58 13.03 -4.31
CA PRO A 604 -5.91 13.33 -4.85
C PRO A 604 -6.53 12.21 -5.67
N ARG A 605 -5.73 11.20 -5.97
CA ARG A 605 -6.22 10.06 -6.72
C ARG A 605 -6.73 9.04 -5.70
N SER A 606 -6.49 9.32 -4.42
CA SER A 606 -6.88 8.39 -3.38
C SER A 606 -7.70 8.98 -2.23
N TRP A 607 -7.06 9.23 -1.09
CA TRP A 607 -7.78 9.70 0.09
C TRP A 607 -8.30 11.14 0.11
N TYR A 608 -7.57 12.07 -0.49
CA TYR A 608 -7.99 13.46 -0.43
C TYR A 608 -8.10 14.19 -1.76
N ARG A 609 -9.33 14.31 -2.25
CA ARG A 609 -9.61 15.02 -3.49
C ARG A 609 -9.79 16.48 -3.07
N PHE A 610 -9.03 17.38 -3.68
CA PHE A 610 -9.07 18.81 -3.36
C PHE A 610 -8.83 19.62 -4.64
N PRO A 611 -9.55 20.75 -4.81
CA PRO A 611 -9.42 21.60 -5.99
C PRO A 611 -8.06 22.23 -6.25
N ILE A 612 -7.62 22.15 -7.50
CA ILE A 612 -6.33 22.70 -7.92
C ILE A 612 -6.41 24.22 -7.83
N LEU A 613 -7.51 24.79 -8.29
CA LEU A 613 -7.74 26.23 -8.24
C LEU A 613 -8.69 26.46 -7.06
N SER A 614 -8.35 27.37 -6.15
CA SER A 614 -9.26 27.58 -5.02
C SER A 614 -9.11 28.96 -4.39
N SER A 615 -9.88 29.20 -3.34
CA SER A 615 -9.89 30.49 -2.62
C SER A 615 -8.62 30.73 -1.83
N GLY A 616 -7.85 29.68 -1.57
CA GLY A 616 -6.65 29.85 -0.77
C GLY A 616 -7.03 30.05 0.69
N PHE A 617 -8.30 29.79 1.03
CA PHE A 617 -8.80 29.94 2.40
C PHE A 617 -8.75 31.38 2.91
N ALA A 618 -8.80 32.34 1.99
CA ALA A 618 -8.72 33.75 2.36
C ALA A 618 -9.65 34.15 3.50
N LYS A 619 -10.94 33.91 3.35
CA LYS A 619 -11.91 34.26 4.38
C LYS A 619 -11.59 33.57 5.71
N GLU A 620 -11.30 32.28 5.64
CA GLU A 620 -11.00 31.51 6.84
C GLU A 620 -9.74 31.99 7.56
N LEU A 621 -8.75 32.48 6.82
CA LEU A 621 -7.54 32.96 7.46
C LEU A 621 -7.78 34.36 8.05
N ASN A 622 -8.64 35.15 7.42
CA ASN A 622 -8.96 36.48 7.97
C ASN A 622 -9.70 36.24 9.29
N ASP A 623 -10.54 35.21 9.32
CA ASP A 623 -11.29 34.88 10.54
C ASP A 623 -10.35 34.67 11.73
N LEU A 624 -9.16 34.15 11.46
CA LEU A 624 -8.19 33.93 12.53
C LEU A 624 -7.86 35.24 13.23
N ASP A 625 -8.13 36.35 12.55
CA ASP A 625 -7.85 37.68 13.09
C ASP A 625 -9.09 38.44 13.51
N GLN A 626 -10.16 38.35 12.72
CA GLN A 626 -11.41 39.04 13.01
C GLN A 626 -12.42 38.10 13.67
#